data_2Q0I
#
_entry.id   2Q0I
#
_cell.length_a   61.100
_cell.length_b   61.100
_cell.length_c   145.700
_cell.angle_alpha   90.000
_cell.angle_beta   90.000
_cell.angle_gamma   120.000
#
_symmetry.space_group_name_H-M   'P 32 2 1'
#
loop_
_entity.id
_entity.type
_entity.pdbx_description
1 polymer 'Quinolone signal response protein'
2 non-polymer 'FE (III) ION'
3 non-polymer 'BENZOIC ACID'
4 water water
#
_entity_poly.entity_id   1
_entity_poly.type   'polypeptide(L)'
_entity_poly.pdbx_seq_one_letter_code
;SHMLRLSAPGQLDDDLCLLGDVQVPVFLLRLGEASWALVEGGISRDAELVWADLCRWVADPSQVHYWLITHKHYDHCGLL
PYLCPRLPNVQVLASERTCQAWKSESAVRVVERLNRQLLRAEQRLPEACAWDALPVRAVADGEWLELGPRHRLQVIEAHG
HSDDHVVFYDVRRRRLFCGDALGEFDEAEGVWRPLVFDDMEAYLESLERLQRLPTLLQLIPGHGGLLRGRLAADGAESAY
TECLRLCRRLLWRQSMGESLDELSEELHRAWGGQSVDFLPGELHLGSMRRMLEILSRQALPLD
;
_entity_poly.pdbx_strand_id   A
#
loop_
_chem_comp.id
_chem_comp.type
_chem_comp.name
_chem_comp.formula
BEZ non-polymer 'BENZOIC ACID' 'C7 H6 O2'
FE non-polymer 'FE (III) ION' 'Fe 3'
#
# COMPACT_ATOMS: atom_id res chain seq x y z
N SER A 1 20.17 11.34 3.79
CA SER A 1 18.74 10.99 3.47
C SER A 1 18.06 12.34 3.17
N HIS A 2 16.83 12.36 2.68
CA HIS A 2 16.22 13.63 2.41
C HIS A 2 15.32 14.05 3.56
N MET A 3 15.38 15.33 3.98
CA MET A 3 14.58 15.76 5.13
C MET A 3 13.10 15.59 4.92
N LEU A 4 12.65 15.58 3.67
CA LEU A 4 11.18 15.49 3.41
C LEU A 4 10.64 14.02 3.37
N ARG A 5 11.56 13.05 3.52
CA ARG A 5 11.16 11.67 3.52
C ARG A 5 11.71 11.02 4.79
N LEU A 6 10.82 10.54 5.66
CA LEU A 6 11.27 9.78 6.85
C LEU A 6 11.25 8.33 6.42
N SER A 7 12.40 7.69 6.49
CA SER A 7 12.65 6.40 5.86
C SER A 7 13.45 5.50 6.76
N ALA A 8 13.26 5.65 8.07
CA ALA A 8 13.89 4.76 9.09
C ALA A 8 12.82 4.12 9.96
N PRO A 9 13.00 2.86 10.37
CA PRO A 9 12.06 2.24 11.29
C PRO A 9 12.04 2.99 12.65
N GLY A 10 10.94 2.89 13.34
CA GLY A 10 10.73 3.46 14.59
C GLY A 10 9.81 4.64 14.64
N GLN A 11 10.00 5.52 15.61
CA GLN A 11 9.08 6.63 15.78
C GLN A 11 9.14 7.63 14.65
N LEU A 12 7.97 7.94 14.08
CA LEU A 12 7.82 8.94 13.04
C LEU A 12 7.21 10.28 13.48
N ASP A 13 6.30 10.20 14.40
CA ASP A 13 5.55 11.33 14.94
C ASP A 13 5.13 10.97 16.37
N ASP A 14 4.50 11.90 17.09
CA ASP A 14 4.13 11.63 18.45
C ASP A 14 3.27 10.40 18.63
N ASP A 15 2.42 10.09 17.63
CA ASP A 15 1.42 9.01 17.69
C ASP A 15 1.71 7.88 16.73
N LEU A 16 2.87 7.91 16.05
CA LEU A 16 3.05 7.09 14.82
C LEU A 16 4.43 6.47 14.83
N CYS A 17 4.49 5.13 14.59
CA CYS A 17 5.76 4.41 14.38
C CYS A 17 5.65 3.59 13.08
N LEU A 18 6.83 3.34 12.52
CA LEU A 18 7.03 2.44 11.41
C LEU A 18 7.62 1.14 11.91
N LEU A 19 6.86 0.05 11.67
CA LEU A 19 7.27 -1.30 12.03
C LEU A 19 7.78 -2.02 10.79
N GLY A 20 8.78 -2.86 10.96
CA GLY A 20 9.35 -3.61 9.84
C GLY A 20 10.23 -2.80 8.90
N ASP A 21 10.33 -3.28 7.64
N ASP A 21 10.13 -3.18 7.63
CA ASP A 21 11.13 -2.62 6.64
CA ASP A 21 10.96 -2.75 6.56
C ASP A 21 10.36 -1.50 5.98
C ASP A 21 10.31 -1.47 5.98
N VAL A 22 11.08 -0.40 5.74
CA VAL A 22 10.56 0.81 5.09
C VAL A 22 10.01 0.47 3.72
N GLN A 23 10.52 -0.59 3.04
CA GLN A 23 9.99 -0.94 1.78
C GLN A 23 8.57 -1.53 1.80
N VAL A 24 8.17 -2.22 2.89
N VAL A 24 8.18 -2.20 2.88
CA VAL A 24 6.82 -2.79 3.01
CA VAL A 24 6.84 -2.80 3.00
C VAL A 24 6.41 -2.62 4.46
C VAL A 24 6.39 -2.62 4.44
N PRO A 25 6.22 -1.36 4.86
CA PRO A 25 5.99 -1.02 6.26
C PRO A 25 4.60 -1.36 6.82
N VAL A 26 4.56 -1.54 8.13
CA VAL A 26 3.28 -1.52 8.89
C VAL A 26 3.37 -0.39 9.86
N PHE A 27 2.35 0.45 9.80
CA PHE A 27 2.33 1.63 10.62
C PHE A 27 1.53 1.37 11.94
N LEU A 28 2.05 1.90 13.02
CA LEU A 28 1.48 1.74 14.35
C LEU A 28 1.02 3.10 14.85
N LEU A 29 -0.27 3.19 15.17
CA LEU A 29 -0.90 4.39 15.75
C LEU A 29 -1.22 4.20 17.19
N ARG A 30 -0.77 5.13 17.99
CA ARG A 30 -1.09 5.09 19.45
C ARG A 30 -2.40 5.89 19.62
N LEU A 31 -3.48 5.19 19.95
CA LEU A 31 -4.81 5.80 20.02
C LEU A 31 -5.15 6.34 21.42
N GLY A 32 -4.46 5.82 22.39
CA GLY A 32 -4.72 6.22 23.81
C GLY A 32 -3.78 5.46 24.67
N GLU A 33 -3.93 5.58 26.01
CA GLU A 33 -3.00 4.92 26.95
C GLU A 33 -3.07 3.41 26.80
N ALA A 34 -4.18 2.85 26.30
CA ALA A 34 -4.31 1.38 26.21
C ALA A 34 -4.97 0.93 24.95
N SER A 35 -4.61 1.63 23.85
CA SER A 35 -5.27 1.33 22.58
C SER A 35 -4.35 1.75 21.43
N TRP A 36 -4.29 0.86 20.44
CA TRP A 36 -3.48 1.06 19.21
C TRP A 36 -4.18 0.54 17.99
N ALA A 37 -3.69 1.05 16.85
CA ALA A 37 -4.09 0.53 15.53
C ALA A 37 -2.88 0.26 14.68
N LEU A 38 -3.07 -0.63 13.73
CA LEU A 38 -2.11 -0.87 12.64
C LEU A 38 -2.72 -0.37 11.33
N VAL A 39 -1.83 0.10 10.40
CA VAL A 39 -2.22 0.47 9.06
C VAL A 39 -1.23 -0.15 8.10
N GLU A 40 -1.79 -0.83 7.10
CA GLU A 40 -1.16 -1.62 6.01
C GLU A 40 -0.79 -3.01 6.53
N GLY A 41 -0.94 -3.99 5.65
CA GLY A 41 -0.85 -5.38 6.05
C GLY A 41 0.35 -6.20 5.57
N GLY A 42 1.30 -5.59 4.89
CA GLY A 42 2.61 -6.18 4.61
C GLY A 42 2.68 -7.47 3.84
N ILE A 43 3.88 -8.09 3.93
CA ILE A 43 4.15 -9.40 3.32
C ILE A 43 4.34 -10.45 4.40
N SER A 44 3.84 -11.67 4.16
CA SER A 44 3.79 -12.72 5.15
C SER A 44 5.16 -13.02 5.78
N ARG A 45 6.24 -12.99 4.97
CA ARG A 45 7.57 -13.33 5.49
C ARG A 45 8.07 -12.40 6.54
N ASP A 46 7.45 -11.23 6.67
CA ASP A 46 7.86 -10.27 7.66
C ASP A 46 7.15 -10.43 9.00
N ALA A 47 6.36 -11.52 9.20
CA ALA A 47 5.55 -11.66 10.37
C ALA A 47 6.37 -11.56 11.65
N GLU A 48 7.49 -12.30 11.73
CA GLU A 48 8.24 -12.28 13.00
C GLU A 48 9.00 -10.94 13.22
N LEU A 49 9.43 -10.32 12.13
CA LEU A 49 10.07 -8.99 12.22
C LEU A 49 9.08 -7.93 12.75
N VAL A 50 7.90 -7.89 12.12
CA VAL A 50 6.87 -6.90 12.48
C VAL A 50 6.39 -7.19 13.92
N TRP A 51 6.19 -8.47 14.25
CA TRP A 51 5.80 -8.82 15.63
C TRP A 51 6.81 -8.34 16.64
N ALA A 52 8.10 -8.60 16.37
CA ALA A 52 9.18 -8.19 17.26
C ALA A 52 9.15 -6.69 17.45
N ASP A 53 9.02 -5.97 16.34
CA ASP A 53 9.01 -4.52 16.44
C ASP A 53 7.77 -4.03 17.22
N LEU A 54 6.62 -4.61 16.95
CA LEU A 54 5.40 -4.23 17.66
C LEU A 54 5.54 -4.35 19.15
N CYS A 55 6.15 -5.46 19.57
CA CYS A 55 6.25 -5.74 21.01
C CYS A 55 7.20 -4.79 21.71
N ARG A 56 8.08 -4.11 20.99
CA ARG A 56 8.89 -3.05 21.58
C ARG A 56 8.08 -1.87 21.99
N TRP A 57 6.96 -1.61 21.35
CA TRP A 57 6.16 -0.47 21.63
C TRP A 57 4.90 -0.79 22.43
N VAL A 58 4.33 -2.00 22.23
CA VAL A 58 3.08 -2.40 22.75
C VAL A 58 3.34 -3.52 23.75
N ALA A 59 3.26 -3.15 25.03
CA ALA A 59 3.46 -4.19 26.07
C ALA A 59 2.40 -5.29 26.12
N ASP A 60 1.15 -4.95 25.87
CA ASP A 60 0.07 -5.90 25.86
C ASP A 60 -0.62 -5.86 24.48
N PRO A 61 -0.36 -6.85 23.63
CA PRO A 61 -0.92 -6.85 22.27
C PRO A 61 -2.42 -7.00 22.20
N SER A 62 -3.10 -7.37 23.31
CA SER A 62 -4.56 -7.28 23.30
C SER A 62 -5.08 -5.84 23.24
N GLN A 63 -4.19 -4.87 23.31
CA GLN A 63 -4.58 -3.53 23.17
C GLN A 63 -4.56 -3.01 21.70
N VAL A 64 -4.17 -3.86 20.75
CA VAL A 64 -4.23 -3.51 19.30
C VAL A 64 -5.66 -3.81 18.85
N HIS A 65 -6.40 -2.74 18.59
CA HIS A 65 -7.82 -2.82 18.32
C HIS A 65 -8.29 -2.81 16.89
N TYR A 66 -7.48 -2.20 15.99
CA TYR A 66 -7.89 -2.07 14.63
C TYR A 66 -6.71 -2.28 13.74
N TRP A 67 -6.99 -2.79 12.56
CA TRP A 67 -5.97 -2.98 11.52
C TRP A 67 -6.58 -2.54 10.19
N LEU A 68 -6.10 -1.38 9.66
CA LEU A 68 -6.66 -0.76 8.48
C LEU A 68 -5.89 -1.23 7.25
N ILE A 69 -6.64 -1.62 6.22
CA ILE A 69 -6.05 -2.24 5.01
C ILE A 69 -6.47 -1.51 3.75
N THR A 70 -5.50 -1.10 2.93
CA THR A 70 -5.77 -0.30 1.75
C THR A 70 -6.31 -1.09 0.58
N HIS A 71 -5.76 -2.29 0.40
CA HIS A 71 -6.16 -3.12 -0.73
C HIS A 71 -5.72 -4.56 -0.60
N LYS A 72 -6.17 -5.39 -1.55
CA LYS A 72 -6.02 -6.80 -1.51
C LYS A 72 -4.70 -7.41 -2.07
N HIS A 73 -3.81 -6.58 -2.60
CA HIS A 73 -2.59 -7.10 -3.15
C HIS A 73 -1.76 -7.78 -2.07
N TYR A 74 -1.00 -8.79 -2.52
CA TYR A 74 -0.28 -9.66 -1.65
C TYR A 74 0.60 -8.98 -0.65
N ASP A 75 1.12 -7.83 -1.07
CA ASP A 75 2.06 -7.02 -0.27
C ASP A 75 1.38 -6.00 0.66
N HIS A 76 0.07 -6.08 0.73
CA HIS A 76 -0.75 -5.21 1.57
C HIS A 76 -1.66 -5.94 2.54
N CYS A 77 -1.62 -7.27 2.55
CA CYS A 77 -2.41 -8.02 3.47
C CYS A 77 -1.78 -9.33 3.87
N GLY A 78 -0.52 -9.55 3.48
CA GLY A 78 0.15 -10.87 3.67
C GLY A 78 0.32 -11.23 5.14
N LEU A 79 0.40 -10.27 6.05
CA LEU A 79 0.63 -10.54 7.45
C LEU A 79 -0.66 -10.99 8.16
N LEU A 80 -1.85 -10.74 7.59
CA LEU A 80 -3.07 -10.85 8.38
C LEU A 80 -3.30 -12.24 9.00
N PRO A 81 -3.15 -13.33 8.22
CA PRO A 81 -3.42 -14.65 8.83
C PRO A 81 -2.43 -15.08 9.89
N TYR A 82 -1.23 -14.45 9.90
CA TYR A 82 -0.11 -14.81 10.77
C TYR A 82 -0.09 -14.00 12.07
N LEU A 83 -0.49 -12.70 12.01
CA LEU A 83 -0.47 -11.91 13.19
C LEU A 83 -1.84 -11.73 13.79
N CYS A 84 -2.95 -11.85 13.04
CA CYS A 84 -4.25 -11.70 13.72
C CYS A 84 -4.46 -12.67 14.89
N PRO A 85 -4.01 -13.93 14.77
CA PRO A 85 -4.17 -14.80 15.92
C PRO A 85 -3.39 -14.36 17.18
N ARG A 86 -2.36 -13.53 17.03
CA ARG A 86 -1.65 -12.94 18.15
C ARG A 86 -2.23 -11.66 18.70
N LEU A 87 -3.30 -11.16 18.07
CA LEU A 87 -3.91 -9.85 18.37
C LEU A 87 -5.37 -10.13 18.66
N PRO A 88 -5.65 -10.64 19.86
CA PRO A 88 -6.97 -11.21 20.10
C PRO A 88 -8.14 -10.25 19.96
N ASN A 89 -7.89 -8.96 20.16
CA ASN A 89 -8.98 -7.97 20.09
C ASN A 89 -8.98 -7.16 18.82
N VAL A 90 -8.20 -7.54 17.86
CA VAL A 90 -8.13 -6.71 16.64
C VAL A 90 -9.37 -6.91 15.74
N GLN A 91 -9.73 -5.80 15.08
CA GLN A 91 -10.73 -5.81 14.03
C GLN A 91 -10.07 -5.25 12.76
N VAL A 92 -10.07 -6.06 11.72
CA VAL A 92 -9.51 -5.63 10.40
C VAL A 92 -10.53 -4.83 9.63
N LEU A 93 -10.18 -3.62 9.26
CA LEU A 93 -11.06 -2.69 8.58
C LEU A 93 -10.61 -2.59 7.10
N ALA A 94 -11.46 -3.03 6.17
CA ALA A 94 -11.17 -3.11 4.78
C ALA A 94 -12.43 -2.89 3.96
N SER A 95 -12.24 -2.52 2.70
CA SER A 95 -13.36 -2.22 1.84
C SER A 95 -14.14 -3.54 1.60
N GLU A 96 -15.40 -3.39 1.11
CA GLU A 96 -16.19 -4.54 0.76
C GLU A 96 -15.56 -5.40 -0.27
N ARG A 97 -14.94 -4.81 -1.31
N ARG A 97 -14.98 -4.77 -1.29
CA ARG A 97 -14.31 -5.64 -2.34
CA ARG A 97 -14.31 -5.45 -2.38
C ARG A 97 -13.07 -6.30 -1.77
C ARG A 97 -13.02 -6.14 -1.93
N THR A 98 -12.35 -5.59 -0.90
CA THR A 98 -11.13 -6.20 -0.36
C THR A 98 -11.50 -7.41 0.49
N CYS A 99 -12.56 -7.27 1.31
CA CYS A 99 -13.07 -8.41 2.10
C CYS A 99 -13.47 -9.51 1.17
N GLN A 100 -14.14 -9.26 0.03
CA GLN A 100 -14.55 -10.35 -0.87
C GLN A 100 -13.36 -11.19 -1.35
N ALA A 101 -12.21 -10.55 -1.55
CA ALA A 101 -11.05 -11.23 -2.05
C ALA A 101 -10.60 -12.31 -1.11
N TRP A 102 -10.76 -12.06 0.17
CA TRP A 102 -10.30 -12.99 1.16
C TRP A 102 -11.23 -14.20 1.26
N LYS A 103 -12.39 -14.07 0.63
CA LYS A 103 -13.36 -15.18 0.53
C LYS A 103 -13.27 -15.89 -0.78
N SER A 104 -12.38 -15.49 -1.66
CA SER A 104 -12.18 -16.13 -2.96
C SER A 104 -10.99 -17.10 -3.01
N GLU A 105 -11.22 -18.34 -3.46
CA GLU A 105 -10.11 -19.28 -3.51
C GLU A 105 -9.06 -18.92 -4.46
N SER A 106 -9.48 -18.46 -5.64
N SER A 106 -9.47 -18.45 -5.64
CA SER A 106 -8.49 -18.09 -6.64
CA SER A 106 -8.50 -18.10 -6.66
C SER A 106 -7.64 -16.93 -6.12
C SER A 106 -7.67 -16.90 -6.20
N ALA A 107 -8.32 -15.98 -5.46
CA ALA A 107 -7.66 -14.77 -5.03
C ALA A 107 -6.63 -15.08 -4.00
N VAL A 108 -7.05 -15.87 -3.02
CA VAL A 108 -6.17 -16.23 -1.89
C VAL A 108 -4.98 -16.99 -2.42
N ARG A 109 -5.22 -17.86 -3.40
CA ARG A 109 -4.13 -18.59 -4.02
C ARG A 109 -2.97 -17.72 -4.45
N VAL A 110 -3.26 -16.64 -5.20
CA VAL A 110 -2.28 -15.78 -5.77
C VAL A 110 -1.57 -15.13 -4.61
N VAL A 111 -2.32 -14.66 -3.62
CA VAL A 111 -1.64 -14.00 -2.51
C VAL A 111 -0.70 -14.89 -1.76
N GLU A 112 -1.14 -16.14 -1.51
CA GLU A 112 -0.23 -17.05 -0.82
C GLU A 112 0.99 -17.43 -1.66
N ARG A 113 0.80 -17.63 -2.97
CA ARG A 113 1.89 -18.01 -3.84
C ARG A 113 2.97 -16.93 -3.92
N LEU A 114 2.51 -15.67 -4.05
CA LEU A 114 3.44 -14.57 -4.22
C LEU A 114 4.19 -14.35 -2.90
N ASN A 115 3.49 -14.47 -1.78
CA ASN A 115 4.14 -14.37 -0.46
C ASN A 115 5.08 -15.51 -0.18
N ARG A 116 4.75 -16.72 -0.59
CA ARG A 116 5.68 -17.82 -0.36
C ARG A 116 7.00 -17.64 -1.16
N GLN A 117 6.99 -16.98 -2.30
CA GLN A 117 8.16 -16.78 -3.09
C GLN A 117 9.16 -15.84 -2.43
N LEU A 118 8.72 -15.07 -1.44
CA LEU A 118 9.60 -14.18 -0.69
C LEU A 118 10.10 -14.73 0.65
N LEU A 119 9.76 -15.98 0.99
CA LEU A 119 10.33 -16.59 2.15
C LEU A 119 11.80 -16.86 2.00
N ARG A 120 12.56 -16.71 3.06
CA ARG A 120 13.90 -17.29 3.00
C ARG A 120 13.87 -18.73 3.55
N ALA A 121 14.89 -19.49 3.10
CA ALA A 121 15.20 -20.92 3.48
C ALA A 121 14.85 -21.30 4.93
N GLU A 122 15.38 -20.46 5.85
CA GLU A 122 15.37 -20.77 7.30
C GLU A 122 14.12 -20.39 8.07
N GLN A 123 13.07 -19.87 7.39
CA GLN A 123 11.90 -19.42 8.14
C GLN A 123 10.65 -20.30 8.00
N ARG A 124 10.00 -20.46 9.12
CA ARG A 124 8.74 -21.10 9.20
C ARG A 124 7.82 -19.93 9.46
N LEU A 125 6.72 -19.87 8.70
CA LEU A 125 5.64 -18.91 9.05
C LEU A 125 4.95 -19.39 10.30
N PRO A 126 4.45 -18.45 11.12
CA PRO A 126 3.58 -18.73 12.24
C PRO A 126 2.38 -19.52 11.73
N GLU A 127 1.70 -20.13 12.68
CA GLU A 127 0.50 -20.81 12.32
C GLU A 127 -0.57 -19.75 12.07
N ALA A 128 -1.28 -19.98 10.99
CA ALA A 128 -2.23 -19.02 10.38
C ALA A 128 -3.67 -19.33 10.69
N CYS A 129 -4.48 -18.27 10.84
N CYS A 129 -4.51 -18.31 10.76
CA CYS A 129 -5.95 -18.25 10.67
CA CYS A 129 -5.95 -18.51 10.69
C CYS A 129 -6.22 -18.58 9.20
C CYS A 129 -6.39 -18.36 9.27
N ALA A 130 -7.39 -19.16 8.88
CA ALA A 130 -7.89 -19.19 7.51
C ALA A 130 -8.25 -17.74 7.07
N TRP A 131 -8.04 -17.49 5.79
CA TRP A 131 -8.35 -16.18 5.25
C TRP A 131 -9.82 -15.86 5.42
N ASP A 132 -10.68 -16.87 5.25
CA ASP A 132 -12.09 -16.58 5.44
C ASP A 132 -12.55 -16.47 6.90
N ALA A 133 -11.62 -16.64 7.82
CA ALA A 133 -11.86 -16.52 9.25
C ALA A 133 -11.25 -15.28 9.90
N LEU A 134 -10.75 -14.37 9.08
CA LEU A 134 -10.19 -13.14 9.64
C LEU A 134 -11.27 -12.24 10.31
N PRO A 135 -10.91 -11.51 11.39
CA PRO A 135 -11.86 -10.74 12.13
C PRO A 135 -12.20 -9.39 11.44
N VAL A 136 -12.87 -9.46 10.30
CA VAL A 136 -13.06 -8.32 9.46
C VAL A 136 -14.36 -7.58 9.69
N ARG A 137 -14.31 -6.25 9.49
CA ARG A 137 -15.50 -5.36 9.37
C ARG A 137 -15.34 -4.56 8.12
N ALA A 138 -16.22 -4.77 7.16
CA ALA A 138 -16.20 -4.01 5.93
C ALA A 138 -16.51 -2.55 6.23
N VAL A 139 -15.80 -1.65 5.55
CA VAL A 139 -15.97 -0.19 5.70
C VAL A 139 -16.30 0.39 4.34
N ALA A 140 -17.02 1.52 4.34
CA ALA A 140 -17.68 2.06 3.13
C ALA A 140 -16.99 3.37 2.74
N ASP A 141 -17.04 3.70 1.44
CA ASP A 141 -16.59 5.02 0.99
C ASP A 141 -17.26 6.12 1.81
N GLY A 142 -16.47 7.02 2.31
CA GLY A 142 -16.92 8.17 3.07
C GLY A 142 -17.08 7.93 4.55
N GLU A 143 -16.97 6.71 5.00
CA GLU A 143 -17.13 6.38 6.40
C GLU A 143 -16.04 6.97 7.28
N TRP A 144 -16.44 7.51 8.45
CA TRP A 144 -15.52 8.00 9.47
C TRP A 144 -15.26 6.86 10.41
N LEU A 145 -13.99 6.57 10.61
CA LEU A 145 -13.52 5.56 11.55
C LEU A 145 -13.10 6.27 12.77
N GLU A 146 -13.86 6.12 13.84
CA GLU A 146 -13.59 6.70 15.13
C GLU A 146 -12.73 5.79 15.92
N LEU A 147 -11.42 5.85 15.68
CA LEU A 147 -10.51 4.90 16.26
C LEU A 147 -10.20 5.23 17.71
N GLY A 148 -10.09 6.50 18.03
CA GLY A 148 -9.73 6.94 19.41
C GLY A 148 -10.14 8.39 19.53
N PRO A 149 -10.01 8.92 20.75
CA PRO A 149 -10.37 10.32 21.03
C PRO A 149 -9.69 11.40 20.19
N ARG A 150 -8.53 11.12 19.62
CA ARG A 150 -7.81 12.10 18.79
C ARG A 150 -7.45 11.46 17.48
N HIS A 151 -8.17 10.39 17.11
CA HIS A 151 -7.96 9.72 15.80
C HIS A 151 -9.28 9.39 15.12
N ARG A 152 -9.62 10.18 14.13
CA ARG A 152 -10.81 10.05 13.32
C ARG A 152 -10.31 10.05 11.85
N LEU A 153 -10.46 8.93 11.17
CA LEU A 153 -9.96 8.77 9.80
C LEU A 153 -11.13 8.47 8.84
N GLN A 154 -11.13 9.12 7.70
CA GLN A 154 -12.15 8.94 6.69
C GLN A 154 -11.68 7.96 5.62
N VAL A 155 -12.54 6.99 5.34
CA VAL A 155 -12.32 6.09 4.23
C VAL A 155 -12.64 6.80 2.91
N ILE A 156 -11.73 6.72 1.91
CA ILE A 156 -12.01 7.36 0.63
C ILE A 156 -11.68 6.32 -0.45
N GLU A 157 -12.67 6.02 -1.28
CA GLU A 157 -12.43 5.06 -2.40
C GLU A 157 -11.42 5.65 -3.34
N ALA A 158 -10.46 4.84 -3.78
CA ALA A 158 -9.41 5.28 -4.64
C ALA A 158 -9.02 4.16 -5.59
N HIS A 159 -10.00 3.75 -6.43
CA HIS A 159 -9.78 2.69 -7.39
C HIS A 159 -8.85 3.16 -8.50
N GLY A 160 -8.31 2.18 -9.22
CA GLY A 160 -7.54 2.39 -10.35
C GLY A 160 -6.23 1.58 -10.35
N HIS A 161 -5.46 1.72 -9.25
CA HIS A 161 -4.34 0.85 -9.03
C HIS A 161 -4.83 -0.58 -8.93
N SER A 162 -5.94 -0.76 -8.19
CA SER A 162 -6.69 -2.05 -8.06
C SER A 162 -8.14 -1.67 -7.95
N ASP A 163 -9.03 -2.66 -8.13
CA ASP A 163 -10.42 -2.33 -8.22
C ASP A 163 -11.10 -2.22 -6.83
N ASP A 164 -10.33 -2.38 -5.74
CA ASP A 164 -10.81 -2.39 -4.41
C ASP A 164 -10.16 -1.30 -3.51
N HIS A 165 -9.20 -0.57 -4.06
CA HIS A 165 -8.29 0.21 -3.27
C HIS A 165 -9.00 1.39 -2.61
N VAL A 166 -8.71 1.56 -1.33
CA VAL A 166 -9.15 2.73 -0.57
C VAL A 166 -7.92 3.38 0.13
N VAL A 167 -8.12 4.62 0.57
CA VAL A 167 -7.15 5.42 1.31
C VAL A 167 -7.81 5.88 2.60
N PHE A 168 -7.01 6.29 3.57
CA PHE A 168 -7.51 6.68 4.90
C PHE A 168 -6.94 8.05 5.24
N TYR A 169 -7.84 9.02 5.50
CA TYR A 169 -7.46 10.42 5.66
C TYR A 169 -7.76 10.86 7.11
N ASP A 170 -6.72 11.30 7.81
CA ASP A 170 -6.75 11.91 9.15
C ASP A 170 -6.69 13.44 8.96
N VAL A 171 -7.81 14.10 9.00
CA VAL A 171 -7.78 15.57 8.71
C VAL A 171 -7.17 16.32 9.86
N ARG A 172 -7.29 15.86 11.11
CA ARG A 172 -6.62 16.55 12.21
C ARG A 172 -5.13 16.76 11.95
N ARG A 173 -4.50 15.71 11.40
CA ARG A 173 -3.09 15.71 11.16
C ARG A 173 -2.72 16.01 9.69
N ARG A 174 -3.71 16.26 8.83
CA ARG A 174 -3.54 16.43 7.39
C ARG A 174 -2.69 15.29 6.84
N ARG A 175 -3.06 14.11 7.29
CA ARG A 175 -2.27 12.88 7.07
C ARG A 175 -3.07 11.89 6.21
N LEU A 176 -2.51 11.48 5.07
CA LEU A 176 -3.15 10.56 4.17
C LEU A 176 -2.31 9.26 4.04
N PHE A 177 -2.92 8.15 4.43
CA PHE A 177 -2.37 6.80 4.11
C PHE A 177 -2.92 6.40 2.74
N CYS A 178 -2.07 6.58 1.70
CA CYS A 178 -2.55 6.49 0.32
C CYS A 178 -2.29 5.16 -0.39
N GLY A 179 -1.76 4.14 0.29
CA GLY A 179 -1.52 2.86 -0.36
C GLY A 179 -0.70 3.06 -1.59
N ASP A 180 -1.11 2.40 -2.67
CA ASP A 180 -0.38 2.45 -3.92
C ASP A 180 -1.11 3.38 -4.96
N ALA A 181 -2.06 4.23 -4.50
CA ALA A 181 -2.90 5.04 -5.44
C ALA A 181 -2.12 6.17 -6.12
N LEU A 182 -0.97 6.58 -5.56
CA LEU A 182 -0.13 7.60 -6.19
C LEU A 182 1.00 7.02 -6.99
N GLY A 183 1.18 5.70 -6.87
CA GLY A 183 2.31 5.03 -7.51
C GLY A 183 3.43 4.72 -6.49
N GLU A 184 4.60 4.45 -7.02
CA GLU A 184 5.82 4.15 -6.26
C GLU A 184 6.69 5.39 -6.22
N PHE A 185 7.06 5.87 -5.02
CA PHE A 185 7.87 7.04 -4.94
C PHE A 185 9.32 6.68 -5.29
N ASP A 186 9.88 7.43 -6.22
CA ASP A 186 11.29 7.26 -6.66
C ASP A 186 12.19 7.96 -5.72
N GLU A 187 12.90 7.18 -4.93
CA GLU A 187 13.80 7.71 -3.91
C GLU A 187 15.00 8.45 -4.41
N ALA A 188 15.48 8.09 -5.60
CA ALA A 188 16.65 8.72 -6.22
C ALA A 188 16.33 10.03 -6.87
N GLU A 189 15.11 10.17 -7.40
CA GLU A 189 14.81 11.36 -8.18
C GLU A 189 13.69 12.22 -7.62
N GLY A 190 12.93 11.74 -6.65
CA GLY A 190 11.95 12.56 -5.97
C GLY A 190 10.62 12.73 -6.67
N VAL A 191 10.32 11.77 -7.52
CA VAL A 191 9.07 11.77 -8.35
C VAL A 191 8.29 10.47 -8.19
N TRP A 192 6.98 10.49 -8.54
CA TRP A 192 6.15 9.30 -8.53
C TRP A 192 6.30 8.46 -9.79
N ARG A 193 6.34 7.16 -9.66
CA ARG A 193 6.30 6.22 -10.78
C ARG A 193 4.91 5.62 -10.75
N PRO A 194 4.15 5.79 -11.81
CA PRO A 194 2.73 5.28 -11.81
C PRO A 194 2.63 3.81 -11.57
N LEU A 195 1.58 3.37 -10.86
CA LEU A 195 1.28 1.97 -10.67
C LEU A 195 -0.20 1.71 -11.10
N VAL A 196 -0.46 1.71 -12.40
CA VAL A 196 -1.81 1.61 -12.93
C VAL A 196 -2.05 0.18 -13.34
N PHE A 197 -2.55 -0.63 -12.40
CA PHE A 197 -2.65 -2.06 -12.63
C PHE A 197 -4.08 -2.54 -12.81
N ASP A 198 -5.07 -1.64 -12.77
CA ASP A 198 -6.44 -2.03 -13.03
C ASP A 198 -7.16 -1.15 -14.09
N ASP A 199 -7.16 0.17 -13.90
CA ASP A 199 -8.01 1.05 -14.71
C ASP A 199 -7.44 2.48 -14.67
N MET A 200 -7.01 2.98 -15.82
CA MET A 200 -6.37 4.24 -15.91
C MET A 200 -7.33 5.39 -15.63
N GLU A 201 -8.55 5.33 -16.16
CA GLU A 201 -9.45 6.42 -15.91
C GLU A 201 -9.78 6.57 -14.42
N ALA A 202 -9.99 5.43 -13.77
CA ALA A 202 -10.27 5.42 -12.33
C ALA A 202 -9.09 5.93 -11.54
N TYR A 203 -7.90 5.51 -11.93
CA TYR A 203 -6.66 5.94 -11.26
C TYR A 203 -6.50 7.45 -11.28
N LEU A 204 -6.75 8.04 -12.46
CA LEU A 204 -6.66 9.49 -12.60
C LEU A 204 -7.78 10.20 -11.85
N GLU A 205 -9.03 9.67 -11.96
CA GLU A 205 -10.14 10.24 -11.24
C GLU A 205 -9.97 10.30 -9.73
N SER A 206 -9.36 9.20 -9.24
CA SER A 206 -9.00 9.09 -7.85
C SER A 206 -8.03 10.18 -7.44
N LEU A 207 -7.02 10.40 -8.20
CA LEU A 207 -6.08 11.47 -7.93
C LEU A 207 -6.65 12.84 -7.99
N GLU A 208 -7.53 13.10 -8.98
CA GLU A 208 -8.31 14.33 -9.01
C GLU A 208 -9.06 14.58 -7.71
N ARG A 209 -9.73 13.57 -7.18
CA ARG A 209 -10.46 13.74 -5.96
C ARG A 209 -9.56 13.92 -4.81
N LEU A 210 -8.45 13.19 -4.73
CA LEU A 210 -7.56 13.32 -3.56
C LEU A 210 -6.92 14.73 -3.55
N GLN A 211 -6.73 15.33 -4.71
CA GLN A 211 -6.21 16.68 -4.81
C GLN A 211 -7.09 17.71 -4.18
N ARG A 212 -8.36 17.40 -4.09
CA ARG A 212 -9.35 18.28 -3.45
C ARG A 212 -9.35 18.23 -1.91
N LEU A 213 -8.65 17.28 -1.29
CA LEU A 213 -8.55 17.31 0.14
C LEU A 213 -7.87 18.61 0.65
N PRO A 214 -8.20 18.98 1.92
CA PRO A 214 -7.39 20.00 2.56
C PRO A 214 -5.90 19.66 2.48
N THR A 215 -5.10 20.69 2.27
CA THR A 215 -3.66 20.51 2.06
C THR A 215 -3.07 19.49 2.98
N LEU A 216 -2.30 18.56 2.43
CA LEU A 216 -1.64 17.56 3.23
C LEU A 216 -0.35 18.04 3.85
N LEU A 217 -0.09 17.55 5.07
CA LEU A 217 1.18 17.68 5.77
C LEU A 217 2.00 16.39 5.75
N GLN A 218 1.30 15.22 5.74
CA GLN A 218 2.00 13.93 5.78
C GLN A 218 1.29 13.04 4.77
N LEU A 219 2.07 12.40 3.95
CA LEU A 219 1.56 11.50 2.86
C LEU A 219 2.36 10.21 3.01
N ILE A 220 1.60 9.11 3.22
CA ILE A 220 2.19 7.85 3.63
C ILE A 220 1.75 6.75 2.65
N PRO A 221 2.54 6.52 1.61
CA PRO A 221 2.12 5.47 0.65
C PRO A 221 2.38 4.08 1.20
N GLY A 222 2.13 3.08 0.36
CA GLY A 222 2.31 1.70 0.73
C GLY A 222 3.74 1.23 0.89
N HIS A 223 4.67 1.98 0.33
CA HIS A 223 6.10 1.61 0.28
C HIS A 223 6.92 2.91 0.40
N GLY A 224 7.99 2.83 1.19
CA GLY A 224 9.02 3.86 1.20
C GLY A 224 9.07 4.87 2.33
N GLY A 225 8.09 4.85 3.23
CA GLY A 225 8.07 5.73 4.39
C GLY A 225 7.06 6.86 4.31
N LEU A 226 7.40 7.92 5.03
CA LEU A 226 6.50 9.09 5.22
C LEU A 226 7.06 10.26 4.48
N LEU A 227 6.21 10.94 3.67
CA LEU A 227 6.63 12.11 2.91
C LEU A 227 5.95 13.34 3.54
N ARG A 228 6.69 14.44 3.59
CA ARG A 228 6.21 15.67 4.25
C ARG A 228 6.61 16.87 3.42
N GLY A 229 6.28 18.07 3.95
CA GLY A 229 6.55 19.30 3.23
C GLY A 229 5.87 19.30 1.88
N ARG A 230 6.57 19.86 0.91
CA ARG A 230 6.05 19.94 -0.43
C ARG A 230 5.65 18.60 -1.06
N LEU A 231 6.32 17.53 -0.62
CA LEU A 231 6.05 16.24 -1.24
C LEU A 231 4.60 15.79 -0.87
N ALA A 232 4.20 16.04 0.37
CA ALA A 232 2.88 15.78 0.81
C ALA A 232 1.91 16.72 0.13
N ALA A 233 2.15 18.03 0.18
CA ALA A 233 1.18 19.01 -0.32
C ALA A 233 0.93 18.81 -1.80
N ASP A 234 1.96 18.48 -2.59
CA ASP A 234 1.84 18.35 -4.03
C ASP A 234 1.68 16.93 -4.53
N GLY A 235 1.58 15.95 -3.65
CA GLY A 235 1.71 14.56 -4.09
C GLY A 235 0.64 14.06 -5.05
N ALA A 236 -0.63 14.29 -4.76
CA ALA A 236 -1.69 13.79 -5.63
C ALA A 236 -1.61 14.44 -7.03
N GLU A 237 -1.33 15.73 -7.06
CA GLU A 237 -1.11 16.44 -8.30
C GLU A 237 0.05 15.93 -9.09
N SER A 238 1.19 15.73 -8.40
CA SER A 238 2.38 15.22 -9.04
C SER A 238 2.17 13.82 -9.60
N ALA A 239 1.53 12.97 -8.82
CA ALA A 239 1.22 11.61 -9.25
C ALA A 239 0.40 11.58 -10.54
N TYR A 240 -0.54 12.49 -10.64
CA TYR A 240 -1.41 12.59 -11.84
C TYR A 240 -0.54 12.99 -13.02
N THR A 241 0.25 14.03 -12.84
CA THR A 241 1.20 14.46 -13.88
C THR A 241 2.12 13.37 -14.41
N GLU A 242 2.69 12.58 -13.48
CA GLU A 242 3.60 11.50 -13.86
C GLU A 242 2.88 10.41 -14.65
N CYS A 243 1.60 10.17 -14.32
CA CYS A 243 0.83 9.24 -15.11
C CYS A 243 0.61 9.71 -16.55
N LEU A 244 0.26 10.98 -16.69
CA LEU A 244 0.14 11.56 -18.04
C LEU A 244 1.46 11.50 -18.80
N ARG A 245 2.55 11.73 -18.10
N ARG A 245 2.58 11.73 -18.11
CA ARG A 245 3.86 11.70 -18.71
CA ARG A 245 3.89 11.68 -18.79
C ARG A 245 4.15 10.33 -19.32
C ARG A 245 4.20 10.29 -19.32
N LEU A 246 3.79 9.27 -18.56
CA LEU A 246 4.02 7.92 -18.98
C LEU A 246 3.14 7.59 -20.19
N CYS A 247 1.90 8.02 -20.12
CA CYS A 247 0.98 7.85 -21.24
C CYS A 247 1.53 8.48 -22.53
N ARG A 248 2.11 9.67 -22.41
CA ARG A 248 2.65 10.37 -23.56
C ARG A 248 3.89 9.65 -24.12
N ARG A 249 4.73 9.12 -23.25
CA ARG A 249 5.90 8.37 -23.67
C ARG A 249 5.50 7.12 -24.45
N LEU A 250 4.48 6.46 -23.89
CA LEU A 250 4.01 5.25 -24.49
C LEU A 250 3.51 5.52 -25.91
N LEU A 251 2.76 6.60 -26.09
CA LEU A 251 2.17 6.93 -27.39
C LEU A 251 3.26 7.31 -28.36
N TRP A 252 4.27 8.00 -27.85
CA TRP A 252 5.44 8.39 -28.67
C TRP A 252 6.08 7.14 -29.23
N ARG A 253 6.36 6.20 -28.38
CA ARG A 253 7.03 4.96 -28.78
C ARG A 253 6.19 4.10 -29.68
N GLN A 254 4.92 3.97 -29.33
CA GLN A 254 4.03 3.16 -30.18
C GLN A 254 3.87 3.81 -31.58
N SER A 255 3.83 5.11 -31.66
CA SER A 255 3.79 5.82 -32.92
C SER A 255 5.07 5.67 -33.78
N MET A 256 6.13 5.14 -33.19
CA MET A 256 7.29 4.73 -33.95
C MET A 256 7.30 3.28 -34.26
N GLY A 257 6.21 2.61 -33.99
CA GLY A 257 6.10 1.19 -34.25
C GLY A 257 6.75 0.29 -33.23
N GLU A 258 7.04 0.73 -31.98
CA GLU A 258 7.62 -0.14 -31.02
C GLU A 258 6.56 -1.08 -30.40
N SER A 259 6.99 -2.27 -29.98
CA SER A 259 6.09 -3.19 -29.26
C SER A 259 6.02 -2.70 -27.85
N LEU A 260 4.96 -3.07 -27.15
CA LEU A 260 4.81 -2.67 -25.74
C LEU A 260 5.95 -3.19 -24.93
N ASP A 261 6.59 -4.25 -25.39
CA ASP A 261 7.83 -4.69 -24.70
C ASP A 261 9.06 -3.79 -24.63
N GLU A 262 9.17 -2.89 -25.57
CA GLU A 262 10.39 -2.13 -25.61
C GLU A 262 10.24 -1.22 -24.41
N LEU A 263 9.13 -0.56 -24.25
CA LEU A 263 9.05 0.33 -23.10
C LEU A 263 8.96 -0.53 -21.80
N SER A 264 8.36 -1.73 -21.81
CA SER A 264 8.19 -2.53 -20.59
C SER A 264 9.59 -2.84 -20.08
N GLU A 265 10.45 -3.21 -21.03
CA GLU A 265 11.83 -3.53 -20.72
C GLU A 265 12.61 -2.37 -20.23
N GLU A 266 12.39 -1.20 -20.81
CA GLU A 266 13.03 -0.01 -20.31
C GLU A 266 12.56 0.34 -18.93
N LEU A 267 11.23 0.20 -18.72
CA LEU A 267 10.67 0.57 -17.41
C LEU A 267 11.17 -0.42 -16.37
N HIS A 268 11.25 -1.69 -16.72
CA HIS A 268 11.79 -2.68 -15.78
C HIS A 268 13.27 -2.38 -15.45
N ARG A 269 14.08 -2.03 -16.45
CA ARG A 269 15.45 -1.50 -16.18
C ARG A 269 15.55 -0.27 -15.31
N ALA A 270 14.74 0.77 -15.60
CA ALA A 270 14.85 2.05 -15.00
C ALA A 270 14.28 1.94 -13.61
N TRP A 271 13.21 1.15 -13.42
CA TRP A 271 12.45 1.22 -12.18
C TRP A 271 12.43 -0.04 -11.31
N GLY A 272 12.90 -1.19 -11.80
CA GLY A 272 12.65 -2.43 -11.08
C GLY A 272 13.62 -2.62 -9.88
N GLY A 273 14.65 -1.78 -9.80
CA GLY A 273 15.63 -1.98 -8.73
C GLY A 273 15.09 -1.72 -7.34
N GLN A 274 14.27 -0.71 -7.20
CA GLN A 274 13.88 -0.30 -5.90
C GLN A 274 13.10 -1.38 -5.12
N SER A 275 12.24 -2.14 -5.80
CA SER A 275 11.40 -3.12 -5.17
C SER A 275 11.87 -4.57 -5.23
N VAL A 276 13.15 -4.76 -5.62
CA VAL A 276 13.57 -6.14 -5.92
C VAL A 276 13.39 -7.06 -4.72
N ASP A 277 13.45 -6.51 -3.49
CA ASP A 277 13.39 -7.34 -2.34
C ASP A 277 11.94 -7.73 -1.91
N PHE A 278 10.90 -7.18 -2.54
CA PHE A 278 9.57 -7.64 -2.21
C PHE A 278 8.66 -7.93 -3.39
N LEU A 279 9.17 -7.83 -4.63
CA LEU A 279 8.47 -8.29 -5.82
C LEU A 279 9.25 -9.45 -6.37
N PRO A 280 8.67 -10.64 -6.29
CA PRO A 280 9.41 -11.87 -6.61
C PRO A 280 9.51 -12.17 -8.06
N GLY A 281 10.60 -12.79 -8.43
CA GLY A 281 10.72 -13.34 -9.75
C GLY A 281 10.52 -12.29 -10.81
N GLU A 282 9.54 -12.53 -11.69
N GLU A 282 9.58 -12.60 -11.71
CA GLU A 282 9.38 -11.71 -12.87
CA GLU A 282 9.33 -11.84 -12.94
C GLU A 282 8.23 -10.73 -12.75
C GLU A 282 8.20 -10.80 -12.76
N LEU A 283 7.79 -10.55 -11.52
CA LEU A 283 6.53 -9.79 -11.28
C LEU A 283 6.70 -8.33 -11.66
N HIS A 284 7.87 -7.73 -11.48
CA HIS A 284 7.98 -6.32 -11.79
C HIS A 284 7.82 -6.14 -13.30
N LEU A 285 8.58 -6.90 -14.09
CA LEU A 285 8.47 -6.76 -15.58
C LEU A 285 7.04 -7.03 -16.08
N GLY A 286 6.41 -7.99 -15.48
CA GLY A 286 5.07 -8.31 -15.89
C GLY A 286 4.05 -7.28 -15.47
N SER A 287 4.29 -6.68 -14.29
CA SER A 287 3.52 -5.52 -13.86
C SER A 287 3.66 -4.29 -14.79
N MET A 288 4.91 -4.04 -15.24
CA MET A 288 5.11 -3.01 -16.21
C MET A 288 4.32 -3.25 -17.48
N ARG A 289 4.38 -4.47 -17.96
CA ARG A 289 3.66 -4.82 -19.20
C ARG A 289 2.19 -4.70 -19.01
N ARG A 290 1.67 -5.18 -17.88
CA ARG A 290 0.26 -4.98 -17.58
C ARG A 290 -0.19 -3.52 -17.61
N MET A 291 0.56 -2.67 -16.92
CA MET A 291 0.24 -1.29 -16.87
C MET A 291 0.25 -0.68 -18.29
N LEU A 292 1.26 -1.01 -19.09
CA LEU A 292 1.34 -0.42 -20.44
C LEU A 292 0.16 -0.90 -21.32
N GLU A 293 -0.29 -2.15 -21.14
CA GLU A 293 -1.46 -2.65 -21.86
C GLU A 293 -2.68 -1.85 -21.46
N ILE A 294 -2.84 -1.59 -20.16
CA ILE A 294 -3.96 -0.80 -19.69
C ILE A 294 -3.92 0.64 -20.30
N LEU A 295 -2.75 1.28 -20.24
CA LEU A 295 -2.64 2.63 -20.74
C LEU A 295 -2.87 2.66 -22.27
N SER A 296 -2.37 1.65 -22.94
CA SER A 296 -2.45 1.56 -24.41
C SER A 296 -3.92 1.46 -24.83
N ARG A 297 -4.66 0.62 -24.12
CA ARG A 297 -6.10 0.46 -24.46
C ARG A 297 -6.91 1.69 -24.24
N GLN A 298 -6.60 2.42 -23.17
CA GLN A 298 -7.41 3.52 -22.64
C GLN A 298 -6.87 4.80 -23.13
N ALA A 299 -6.03 4.74 -24.15
CA ALA A 299 -5.54 5.96 -24.73
C ALA A 299 -4.88 5.86 -26.05
N LEU A 300 -4.62 4.69 -26.60
CA LEU A 300 -4.20 4.65 -28.00
C LEU A 300 -5.32 5.21 -28.88
FE FE B . -0.81 -2.75 -4.90
FE FE C . 2.15 -2.41 -3.13
C BEZ D . 3.51 -2.52 -5.91
O1 BEZ D . 3.36 -2.21 -4.78
O2 BEZ D . 2.60 -3.19 -6.47
C1 BEZ D . 4.75 -2.11 -6.64
C2 BEZ D . 5.66 -1.40 -5.94
C3 BEZ D . 6.82 -1.01 -6.61
C4 BEZ D . 7.01 -1.34 -7.95
C5 BEZ D . 6.10 -2.07 -8.63
C6 BEZ D . 4.93 -2.47 -8.00
#